data_1GV0
#
_entry.id   1GV0
#
_cell.length_a   114.320
_cell.length_b   149.420
_cell.length_c   97.730
_cell.angle_alpha   90.00
_cell.angle_beta   90.00
_cell.angle_gamma   90.00
#
_symmetry.space_group_name_H-M   'C 2 2 21'
#
loop_
_entity.id
_entity.type
_entity.pdbx_description
1 polymer 'MALATE DEHYDROGENASE'
2 non-polymer NICOTINAMIDE-ADENINE-DINUCLEOTIDE
3 water water
#
_entity_poly.entity_id   1
_entity_poly.type   'polypeptide(L)'
_entity_poly.pdbx_seq_one_letter_code
;MKITVIGAGNVGATTAFRLAEKQLARELVLLDVVEGIPQGKALDMYESGPVGLFDTKVTGSNDYADTANSDIVVITAGLP
RKPGMTREDLLSMNAGIVREVTGRIMEHSKNPIIVVVSNPLDIMTHVAWQKSGLPKERVIGMAGVLDSARFRSFIAMELG
VSMQDVTACVLGGHGDAMVPVVKYTTVAGIPVADLISAERIAELVERTRTGGAEIVNHLKQGSAFYSPATSVVEMVESIV
LDRKRVLTCAVSLDGQYGIDGTFVGVPVKLGKNGVEHIYEIKLDQSDLDLLQKSAKIVDENCKMLDASQG
;
_entity_poly.pdbx_strand_id   A,B
#
loop_
_chem_comp.id
_chem_comp.type
_chem_comp.name
_chem_comp.formula
NAD non-polymer NICOTINAMIDE-ADENINE-DINUCLEOTIDE 'C21 H27 N7 O14 P2'
#
# COMPACT_ATOMS: atom_id res chain seq x y z
N MET A 1 4.29 -3.20 -22.33
CA MET A 1 3.30 -2.39 -21.60
C MET A 1 4.00 -1.45 -20.63
N LYS A 2 4.04 -0.17 -20.99
CA LYS A 2 4.68 0.84 -20.16
C LYS A 2 3.60 1.75 -19.57
N ILE A 3 3.62 1.87 -18.25
CA ILE A 3 2.64 2.70 -17.56
C ILE A 3 3.31 3.81 -16.76
N THR A 4 2.89 5.03 -17.02
CA THR A 4 3.41 6.20 -16.32
C THR A 4 2.38 6.70 -15.31
N VAL A 5 2.84 7.01 -14.11
CA VAL A 5 1.99 7.55 -13.07
C VAL A 5 2.58 8.89 -12.65
N ILE A 6 1.89 9.98 -13.00
CA ILE A 6 2.33 11.32 -12.65
C ILE A 6 1.81 11.61 -11.25
N GLY A 7 2.74 11.94 -10.34
CA GLY A 7 2.39 12.23 -8.97
C GLY A 7 2.80 11.09 -8.06
N ALA A 8 3.83 11.33 -7.26
CA ALA A 8 4.35 10.31 -6.36
C ALA A 8 3.81 10.47 -4.94
N GLY A 9 2.62 11.03 -4.83
CA GLY A 9 2.01 11.23 -3.52
C GLY A 9 1.37 9.96 -2.97
N ASN A 10 0.47 10.12 -2.02
CA ASN A 10 -0.22 8.99 -1.41
C ASN A 10 -0.99 8.13 -2.41
N VAL A 11 -1.69 8.78 -3.34
CA VAL A 11 -2.46 8.05 -4.34
C VAL A 11 -1.56 7.51 -5.44
N GLY A 12 -0.73 8.38 -6.00
CA GLY A 12 0.18 7.98 -7.05
C GLY A 12 1.10 6.82 -6.67
N ALA A 13 1.75 6.92 -5.51
CA ALA A 13 2.66 5.87 -5.05
C ALA A 13 1.94 4.57 -4.72
N THR A 14 0.90 4.64 -3.88
CA THR A 14 0.15 3.45 -3.51
C THR A 14 -0.34 2.73 -4.77
N THR A 15 -0.69 3.53 -5.76
CA THR A 15 -1.17 3.01 -7.03
C THR A 15 -0.03 2.31 -7.77
N ALA A 16 1.11 3.01 -7.85
CA ALA A 16 2.30 2.49 -8.51
C ALA A 16 2.74 1.16 -7.89
N PHE A 17 2.80 1.12 -6.57
CA PHE A 17 3.20 -0.08 -5.85
C PHE A 17 2.29 -1.25 -6.24
N ARG A 18 0.99 -1.01 -6.20
CA ARG A 18 0.00 -2.02 -6.54
C ARG A 18 0.22 -2.51 -7.97
N LEU A 19 0.43 -1.57 -8.89
CA LEU A 19 0.66 -1.92 -10.28
C LEU A 19 1.92 -2.79 -10.41
N ALA A 20 2.95 -2.42 -9.65
CA ALA A 20 4.22 -3.14 -9.69
C ALA A 20 4.05 -4.59 -9.26
N GLU A 21 3.46 -4.80 -8.08
CA GLU A 21 3.24 -6.14 -7.57
C GLU A 21 2.34 -6.99 -8.48
N LYS A 22 1.30 -6.38 -9.03
CA LYS A 22 0.38 -7.09 -9.92
C LYS A 22 1.03 -7.40 -11.27
N GLN A 23 2.19 -6.81 -11.50
CA GLN A 23 2.95 -7.04 -12.74
C GLN A 23 2.19 -6.75 -14.03
N LEU A 24 1.20 -5.87 -13.96
CA LEU A 24 0.43 -5.52 -15.15
C LEU A 24 1.30 -4.82 -16.20
N ALA A 25 2.44 -4.28 -15.77
CA ALA A 25 3.36 -3.61 -16.69
C ALA A 25 4.82 -4.05 -16.54
N ARG A 26 5.56 -4.00 -17.64
CA ARG A 26 6.97 -4.38 -17.64
C ARG A 26 7.76 -3.18 -17.14
N GLU A 27 7.39 -2.00 -17.60
CA GLU A 27 8.02 -0.74 -17.21
C GLU A 27 7.00 0.23 -16.60
N LEU A 28 7.25 0.59 -15.35
CA LEU A 28 6.38 1.50 -14.61
C LEU A 28 7.15 2.74 -14.15
N VAL A 29 6.79 3.91 -14.68
CA VAL A 29 7.48 5.14 -14.32
C VAL A 29 6.68 6.01 -13.34
N LEU A 30 7.30 6.35 -12.22
CA LEU A 30 6.70 7.19 -11.20
C LEU A 30 7.38 8.57 -11.29
N LEU A 31 6.70 9.55 -11.89
CA LEU A 31 7.26 10.89 -12.02
C LEU A 31 6.53 11.92 -11.15
N ASP A 32 7.30 12.88 -10.64
CA ASP A 32 6.75 13.94 -9.81
C ASP A 32 7.56 15.21 -10.10
N VAL A 33 7.11 16.33 -9.55
CA VAL A 33 7.78 17.61 -9.75
C VAL A 33 8.88 17.77 -8.69
N VAL A 34 8.55 17.41 -7.45
CA VAL A 34 9.50 17.49 -6.35
C VAL A 34 10.56 16.40 -6.58
N GLU A 35 11.83 16.78 -6.53
CA GLU A 35 12.90 15.82 -6.77
C GLU A 35 13.20 14.98 -5.54
N GLY A 36 13.49 13.70 -5.78
CA GLY A 36 13.82 12.81 -4.68
C GLY A 36 12.73 11.84 -4.32
N ILE A 37 11.53 12.37 -4.07
CA ILE A 37 10.38 11.54 -3.67
C ILE A 37 10.07 10.39 -4.63
N PRO A 38 9.90 10.65 -5.93
CA PRO A 38 9.61 9.52 -6.81
C PRO A 38 10.75 8.50 -6.83
N GLN A 39 12.01 8.97 -6.90
CA GLN A 39 13.14 8.06 -6.92
C GLN A 39 13.17 7.18 -5.67
N GLY A 40 13.00 7.80 -4.51
CA GLY A 40 13.01 7.04 -3.27
C GLY A 40 11.88 6.05 -3.12
N LYS A 41 10.66 6.48 -3.47
CA LYS A 41 9.52 5.58 -3.37
C LYS A 41 9.64 4.46 -4.40
N ALA A 42 10.18 4.78 -5.57
CA ALA A 42 10.37 3.78 -6.62
C ALA A 42 11.36 2.70 -6.13
N LEU A 43 12.48 3.13 -5.56
CA LEU A 43 13.47 2.19 -5.05
C LEU A 43 12.87 1.34 -3.93
N ASP A 44 12.24 1.99 -2.97
CA ASP A 44 11.61 1.30 -1.84
C ASP A 44 10.66 0.21 -2.37
N MET A 45 9.97 0.53 -3.47
CA MET A 45 9.04 -0.41 -4.09
C MET A 45 9.80 -1.58 -4.71
N TYR A 46 10.74 -1.28 -5.59
CA TYR A 46 11.54 -2.29 -6.25
C TYR A 46 12.19 -3.21 -5.24
N GLU A 47 12.75 -2.65 -4.17
CA GLU A 47 13.41 -3.46 -3.15
C GLU A 47 12.40 -4.37 -2.49
N SER A 48 11.15 -4.27 -2.92
CA SER A 48 10.09 -5.10 -2.37
C SER A 48 9.88 -6.32 -3.24
N GLY A 49 10.33 -6.21 -4.49
CA GLY A 49 10.21 -7.30 -5.45
C GLY A 49 10.64 -8.69 -5.02
N PRO A 50 11.74 -8.85 -4.28
CA PRO A 50 12.17 -10.18 -3.86
C PRO A 50 11.27 -10.89 -2.86
N VAL A 51 10.55 -10.12 -2.06
CA VAL A 51 9.68 -10.74 -1.08
C VAL A 51 8.24 -10.79 -1.59
N GLY A 52 7.90 -9.84 -2.46
CA GLY A 52 6.56 -9.79 -3.02
C GLY A 52 6.50 -10.59 -4.30
N LEU A 53 7.66 -11.06 -4.72
CA LEU A 53 7.80 -11.87 -5.93
C LEU A 53 7.28 -11.25 -7.23
N PHE A 54 7.84 -10.10 -7.59
CA PHE A 54 7.48 -9.44 -8.84
C PHE A 54 8.76 -8.81 -9.34
N ASP A 55 8.86 -8.57 -10.64
CA ASP A 55 10.08 -8.01 -11.20
C ASP A 55 9.86 -6.75 -12.05
N THR A 56 8.71 -6.11 -11.87
CA THR A 56 8.39 -4.89 -12.63
C THR A 56 9.53 -3.87 -12.44
N LYS A 57 9.97 -3.27 -13.54
CA LYS A 57 11.02 -2.28 -13.46
C LYS A 57 10.45 -0.90 -13.14
N VAL A 58 10.29 -0.62 -11.85
CA VAL A 58 9.75 0.64 -11.37
C VAL A 58 10.82 1.71 -11.30
N THR A 59 10.71 2.76 -12.10
CA THR A 59 11.70 3.83 -12.07
C THR A 59 11.07 5.18 -11.69
N GLY A 60 11.67 5.84 -10.70
CA GLY A 60 11.17 7.13 -10.26
C GLY A 60 11.93 8.22 -10.99
N SER A 61 11.23 9.18 -11.57
CA SER A 61 11.90 10.25 -12.31
C SER A 61 11.31 11.66 -12.11
N ASN A 62 12.03 12.65 -12.60
CA ASN A 62 11.62 14.05 -12.54
C ASN A 62 11.66 14.53 -13.98
N ASP A 63 12.09 13.64 -14.87
CA ASP A 63 12.22 13.94 -16.29
C ASP A 63 11.14 13.25 -17.11
N TYR A 64 10.40 14.04 -17.90
CA TYR A 64 9.32 13.48 -18.72
C TYR A 64 9.78 12.59 -19.86
N ALA A 65 11.03 12.73 -20.28
CA ALA A 65 11.56 11.91 -21.35
C ALA A 65 11.49 10.43 -20.97
N ASP A 66 11.47 10.15 -19.67
CA ASP A 66 11.41 8.79 -19.16
C ASP A 66 10.05 8.15 -19.33
N THR A 67 9.05 8.98 -19.63
CA THR A 67 7.69 8.48 -19.81
C THR A 67 7.42 8.23 -21.30
N ALA A 68 8.37 8.59 -22.14
CA ALA A 68 8.23 8.42 -23.58
C ALA A 68 7.55 7.13 -24.02
N ASN A 69 6.74 7.25 -25.06
CA ASN A 69 6.02 6.11 -25.61
C ASN A 69 5.28 5.27 -24.56
N SER A 70 4.46 5.91 -23.74
CA SER A 70 3.70 5.17 -22.73
C SER A 70 2.36 4.70 -23.32
N ASP A 71 1.86 3.58 -22.82
CA ASP A 71 0.61 3.01 -23.28
C ASP A 71 -0.54 3.54 -22.43
N ILE A 72 -0.29 3.64 -21.13
CA ILE A 72 -1.28 4.13 -20.19
C ILE A 72 -0.62 5.15 -19.26
N VAL A 73 -1.30 6.28 -19.03
CA VAL A 73 -0.79 7.32 -18.15
C VAL A 73 -1.84 7.60 -17.08
N VAL A 74 -1.44 7.56 -15.81
CA VAL A 74 -2.34 7.83 -14.71
C VAL A 74 -1.97 9.17 -14.10
N ILE A 75 -2.86 10.16 -14.19
CA ILE A 75 -2.60 11.48 -13.63
C ILE A 75 -3.21 11.68 -12.25
N THR A 76 -2.36 11.83 -11.25
CA THR A 76 -2.81 12.04 -9.89
C THR A 76 -2.21 13.33 -9.33
N ALA A 77 -1.50 14.07 -10.18
CA ALA A 77 -0.88 15.32 -9.76
C ALA A 77 -1.93 16.38 -9.42
N GLY A 78 -1.82 16.93 -8.21
CA GLY A 78 -2.74 17.95 -7.77
C GLY A 78 -2.80 18.00 -6.27
N LEU A 79 -3.17 19.15 -5.72
CA LEU A 79 -3.28 19.29 -4.28
C LEU A 79 -4.54 18.61 -3.78
N PRO A 80 -4.43 17.84 -2.67
CA PRO A 80 -5.58 17.14 -2.09
C PRO A 80 -6.49 18.17 -1.44
N ARG A 81 -6.83 17.94 -0.18
CA ARG A 81 -7.67 18.87 0.55
C ARG A 81 -7.67 18.62 2.05
N LYS A 82 -7.89 19.71 2.79
CA LYS A 82 -7.91 19.70 4.25
C LYS A 82 -9.35 19.79 4.76
N PRO A 83 -9.58 19.40 6.03
CA PRO A 83 -10.94 19.47 6.57
C PRO A 83 -11.51 20.87 6.43
N GLY A 84 -12.49 21.03 5.56
CA GLY A 84 -13.09 22.34 5.36
C GLY A 84 -13.04 22.84 3.94
N MET A 85 -12.67 21.96 3.00
CA MET A 85 -12.58 22.35 1.60
C MET A 85 -13.56 21.57 0.73
N THR A 86 -13.57 21.90 -0.57
CA THR A 86 -14.46 21.25 -1.52
C THR A 86 -13.75 21.01 -2.85
N LEU A 91 -10.02 23.89 -7.83
CA LEU A 91 -10.09 23.58 -9.25
C LEU A 91 -9.26 24.57 -10.07
N SER A 92 -9.18 25.80 -9.59
CA SER A 92 -8.40 26.82 -10.29
C SER A 92 -6.95 26.38 -10.44
N MET A 93 -6.41 25.84 -9.36
CA MET A 93 -5.03 25.40 -9.31
C MET A 93 -4.76 24.11 -10.08
N ASN A 94 -5.47 23.04 -9.71
CA ASN A 94 -5.29 21.76 -10.38
C ASN A 94 -5.54 21.84 -11.88
N ALA A 95 -6.46 22.70 -12.30
CA ALA A 95 -6.73 22.83 -13.72
C ALA A 95 -5.44 23.13 -14.46
N GLY A 96 -4.66 24.03 -13.89
CA GLY A 96 -3.40 24.41 -14.51
C GLY A 96 -2.39 23.27 -14.40
N ILE A 97 -2.37 22.63 -13.25
CA ILE A 97 -1.46 21.51 -13.02
C ILE A 97 -1.74 20.40 -14.03
N VAL A 98 -2.98 19.90 -14.03
CA VAL A 98 -3.38 18.83 -14.93
C VAL A 98 -3.09 19.16 -16.38
N ARG A 99 -3.31 20.41 -16.77
CA ARG A 99 -3.08 20.79 -18.16
C ARG A 99 -1.59 20.83 -18.49
N GLU A 100 -0.79 21.33 -17.55
CA GLU A 100 0.63 21.41 -17.76
C GLU A 100 1.16 19.97 -17.91
N VAL A 101 0.75 19.11 -16.98
CA VAL A 101 1.14 17.71 -16.99
C VAL A 101 0.77 17.02 -18.31
N THR A 102 -0.49 17.15 -18.71
CA THR A 102 -0.97 16.54 -19.95
C THR A 102 -0.17 16.95 -21.17
N GLY A 103 0.01 18.26 -21.35
CA GLY A 103 0.75 18.74 -22.51
C GLY A 103 2.20 18.31 -22.44
N ARG A 104 2.68 18.09 -21.23
CA ARG A 104 4.04 17.68 -21.01
C ARG A 104 4.26 16.23 -21.48
N ILE A 105 3.35 15.33 -21.08
CA ILE A 105 3.48 13.93 -21.47
C ILE A 105 3.24 13.70 -22.96
N MET A 106 2.31 14.45 -23.54
CA MET A 106 2.00 14.31 -24.96
C MET A 106 3.19 14.59 -25.87
N GLU A 107 4.21 15.23 -25.34
CA GLU A 107 5.39 15.53 -26.13
C GLU A 107 6.19 14.25 -26.36
N HIS A 108 6.09 13.33 -25.40
CA HIS A 108 6.83 12.08 -25.47
C HIS A 108 6.00 10.82 -25.74
N SER A 109 4.69 10.91 -25.54
CA SER A 109 3.80 9.78 -25.80
C SER A 109 2.67 10.33 -26.66
N LYS A 110 2.62 9.90 -27.92
CA LYS A 110 1.60 10.42 -28.82
C LYS A 110 0.27 9.71 -28.93
N ASN A 111 0.09 8.60 -28.21
CA ASN A 111 -1.19 7.91 -28.26
C ASN A 111 -1.46 7.05 -27.03
N PRO A 112 -1.33 7.63 -25.83
CA PRO A 112 -1.59 6.84 -24.63
C PRO A 112 -3.07 6.86 -24.26
N ILE A 113 -3.38 6.18 -23.17
CA ILE A 113 -4.73 6.17 -22.65
C ILE A 113 -4.53 6.83 -21.29
N ILE A 114 -5.13 8.00 -21.11
CA ILE A 114 -5.00 8.73 -19.87
C ILE A 114 -6.13 8.42 -18.90
N VAL A 115 -5.78 8.17 -17.65
CA VAL A 115 -6.76 7.89 -16.63
C VAL A 115 -6.54 9.03 -15.62
N VAL A 116 -7.51 9.93 -15.54
CA VAL A 116 -7.39 11.06 -14.64
C VAL A 116 -7.94 10.73 -13.28
N VAL A 117 -7.26 11.19 -12.23
CA VAL A 117 -7.69 10.94 -10.85
C VAL A 117 -7.81 12.27 -10.09
N SER A 118 -7.07 13.27 -10.53
CA SER A 118 -7.07 14.59 -9.91
C SER A 118 -8.44 15.26 -9.80
N ASN A 119 -8.75 15.79 -8.61
CA ASN A 119 -10.02 16.47 -8.36
C ASN A 119 -9.99 17.96 -8.75
N PRO A 120 -11.13 18.53 -9.17
CA PRO A 120 -12.46 17.92 -9.32
C PRO A 120 -12.43 16.99 -10.52
N LEU A 121 -12.65 15.70 -10.27
CA LEU A 121 -12.58 14.68 -11.32
C LEU A 121 -13.21 14.98 -12.68
N ASP A 122 -14.53 15.05 -12.71
CA ASP A 122 -15.23 15.30 -13.98
C ASP A 122 -14.55 16.39 -14.79
N ILE A 123 -14.31 17.54 -14.16
CA ILE A 123 -13.69 18.67 -14.83
C ILE A 123 -12.21 18.45 -15.19
N MET A 124 -11.45 17.91 -14.25
CA MET A 124 -10.03 17.66 -14.50
C MET A 124 -9.83 16.69 -15.66
N THR A 125 -10.81 15.80 -15.86
CA THR A 125 -10.71 14.86 -16.96
C THR A 125 -10.93 15.60 -18.26
N HIS A 126 -11.85 16.56 -18.25
CA HIS A 126 -12.12 17.35 -19.44
C HIS A 126 -10.85 18.11 -19.82
N VAL A 127 -10.25 18.76 -18.83
CA VAL A 127 -9.02 19.52 -19.01
C VAL A 127 -7.93 18.71 -19.70
N ALA A 128 -7.70 17.49 -19.21
CA ALA A 128 -6.68 16.61 -19.79
C ALA A 128 -7.04 16.25 -21.21
N TRP A 129 -8.26 15.75 -21.40
CA TRP A 129 -8.73 15.35 -22.71
C TRP A 129 -8.56 16.52 -23.68
N GLN A 130 -9.11 17.65 -23.28
CA GLN A 130 -9.03 18.87 -24.07
C GLN A 130 -7.58 19.15 -24.52
N LYS A 131 -6.68 19.15 -23.55
CA LYS A 131 -5.26 19.42 -23.81
C LYS A 131 -4.51 18.33 -24.59
N SER A 132 -4.86 17.07 -24.37
CA SER A 132 -4.19 15.95 -25.05
C SER A 132 -4.42 15.94 -26.56
N GLY A 133 -5.66 16.25 -26.95
CA GLY A 133 -5.99 16.23 -28.37
C GLY A 133 -6.31 14.81 -28.81
N LEU A 134 -6.45 13.92 -27.83
CA LEU A 134 -6.75 12.53 -28.11
C LEU A 134 -8.25 12.30 -28.19
N PRO A 135 -8.67 11.31 -28.99
CA PRO A 135 -10.10 11.04 -29.11
C PRO A 135 -10.67 10.70 -27.73
N LYS A 136 -11.88 11.19 -27.46
CA LYS A 136 -12.50 10.97 -26.16
C LYS A 136 -12.46 9.55 -25.59
N GLU A 137 -12.26 8.55 -26.44
CA GLU A 137 -12.20 7.17 -25.97
C GLU A 137 -10.93 6.90 -25.16
N ARG A 138 -9.87 7.65 -25.47
CA ARG A 138 -8.56 7.49 -24.83
C ARG A 138 -8.40 8.23 -23.51
N VAL A 139 -9.40 8.99 -23.12
CA VAL A 139 -9.29 9.74 -21.86
C VAL A 139 -10.50 9.48 -20.98
N ILE A 140 -10.28 9.09 -19.74
CA ILE A 140 -11.36 8.83 -18.80
C ILE A 140 -10.89 9.19 -17.40
N GLY A 141 -11.83 9.30 -16.47
CA GLY A 141 -11.49 9.65 -15.10
C GLY A 141 -12.02 8.64 -14.12
N MET A 142 -11.37 8.54 -12.97
CA MET A 142 -11.78 7.58 -11.96
C MET A 142 -12.57 8.21 -10.82
N ALA A 143 -13.76 7.69 -10.55
CA ALA A 143 -14.60 8.18 -9.45
C ALA A 143 -15.68 7.18 -9.05
N GLY A 144 -16.49 6.79 -10.04
CA GLY A 144 -17.57 5.85 -9.79
C GLY A 144 -17.17 4.60 -9.02
N VAL A 145 -16.12 3.93 -9.49
CA VAL A 145 -15.66 2.72 -8.82
C VAL A 145 -15.46 2.94 -7.32
N LEU A 146 -14.80 4.05 -6.96
CA LEU A 146 -14.56 4.34 -5.55
C LEU A 146 -15.88 4.57 -4.81
N ASP A 147 -16.78 5.35 -5.41
CA ASP A 147 -18.08 5.63 -4.77
C ASP A 147 -18.82 4.33 -4.56
N SER A 148 -18.79 3.48 -5.58
CA SER A 148 -19.48 2.21 -5.52
C SER A 148 -18.87 1.35 -4.41
N ALA A 149 -17.54 1.34 -4.34
CA ALA A 149 -16.84 0.55 -3.33
C ALA A 149 -17.32 0.92 -1.92
N ARG A 150 -17.35 2.20 -1.61
CA ARG A 150 -17.79 2.65 -0.29
C ARG A 150 -19.23 2.24 -0.01
N PHE A 151 -20.11 2.40 -0.99
CA PHE A 151 -21.49 2.02 -0.77
C PHE A 151 -21.56 0.51 -0.45
N ARG A 152 -20.83 -0.30 -1.23
CA ARG A 152 -20.80 -1.75 -1.01
C ARG A 152 -20.31 -2.12 0.39
N SER A 153 -19.20 -1.52 0.82
CA SER A 153 -18.65 -1.82 2.14
C SER A 153 -19.63 -1.50 3.27
N PHE A 154 -20.44 -0.47 3.07
CA PHE A 154 -21.42 -0.08 4.08
C PHE A 154 -22.54 -1.13 4.14
N ILE A 155 -23.10 -1.47 2.99
CA ILE A 155 -24.16 -2.46 2.93
C ILE A 155 -23.66 -3.76 3.55
N ALA A 156 -22.43 -4.12 3.24
CA ALA A 156 -21.83 -5.33 3.78
C ALA A 156 -21.83 -5.26 5.29
N MET A 157 -21.40 -4.12 5.84
CA MET A 157 -21.38 -3.93 7.28
C MET A 157 -22.78 -4.12 7.84
N GLU A 158 -23.74 -3.44 7.21
CA GLU A 158 -25.14 -3.48 7.62
C GLU A 158 -25.78 -4.86 7.62
N LEU A 159 -25.48 -5.65 6.59
CA LEU A 159 -26.07 -6.97 6.47
C LEU A 159 -25.16 -8.11 6.93
N GLY A 160 -23.87 -7.81 7.10
CA GLY A 160 -22.94 -8.83 7.54
C GLY A 160 -22.69 -9.85 6.45
N VAL A 161 -22.53 -9.37 5.21
CA VAL A 161 -22.27 -10.24 4.07
C VAL A 161 -20.95 -9.81 3.43
N SER A 162 -20.37 -10.69 2.60
CA SER A 162 -19.12 -10.40 1.91
C SER A 162 -19.30 -9.22 0.97
N MET A 163 -18.28 -8.37 0.91
CA MET A 163 -18.33 -7.19 0.04
C MET A 163 -18.28 -7.59 -1.42
N GLN A 164 -17.87 -8.84 -1.67
CA GLN A 164 -17.77 -9.34 -3.02
C GLN A 164 -19.14 -9.54 -3.66
N ASP A 165 -20.11 -9.89 -2.83
CA ASP A 165 -21.47 -10.14 -3.29
C ASP A 165 -22.37 -8.91 -3.39
N VAL A 166 -21.87 -7.75 -2.96
CA VAL A 166 -22.65 -6.53 -3.02
C VAL A 166 -22.37 -5.76 -4.30
N THR A 167 -23.43 -5.38 -4.99
CA THR A 167 -23.29 -4.60 -6.21
C THR A 167 -23.97 -3.25 -6.00
N ALA A 168 -23.29 -2.17 -6.37
CA ALA A 168 -23.87 -0.85 -6.21
C ALA A 168 -23.70 -0.01 -7.46
N CYS A 169 -24.80 0.56 -7.93
CA CYS A 169 -24.77 1.41 -9.11
C CYS A 169 -24.71 2.86 -8.63
N VAL A 170 -23.72 3.59 -9.10
CA VAL A 170 -23.56 4.99 -8.71
C VAL A 170 -23.05 5.75 -9.91
N LEU A 171 -23.81 6.75 -10.35
CA LEU A 171 -23.42 7.54 -11.50
C LEU A 171 -23.27 9.02 -11.15
N GLY A 172 -22.87 9.80 -12.16
CA GLY A 172 -22.73 11.22 -11.95
C GLY A 172 -21.34 11.72 -11.59
N GLY A 173 -21.16 12.01 -10.31
CA GLY A 173 -19.90 12.52 -9.82
C GLY A 173 -19.95 12.52 -8.30
N HIS A 174 -18.99 13.19 -7.67
CA HIS A 174 -18.97 13.24 -6.20
C HIS A 174 -19.87 14.33 -5.63
N GLY A 175 -20.26 14.16 -4.36
CA GLY A 175 -21.11 15.14 -3.71
C GLY A 175 -22.56 15.09 -4.15
N ASP A 176 -23.17 16.27 -4.25
CA ASP A 176 -24.57 16.36 -4.65
C ASP A 176 -24.74 15.87 -6.07
N ALA A 177 -23.63 15.74 -6.79
CA ALA A 177 -23.68 15.27 -8.17
C ALA A 177 -23.70 13.74 -8.21
N MET A 178 -23.60 13.12 -7.03
CA MET A 178 -23.59 11.67 -6.95
C MET A 178 -24.98 11.08 -7.08
N VAL A 179 -25.16 10.23 -8.09
CA VAL A 179 -26.45 9.61 -8.32
C VAL A 179 -26.42 8.11 -8.07
N PRO A 180 -26.64 7.71 -6.80
CA PRO A 180 -26.66 6.30 -6.45
C PRO A 180 -28.03 5.69 -6.76
N VAL A 181 -28.06 4.66 -7.61
CA VAL A 181 -29.30 4.00 -7.99
C VAL A 181 -29.60 2.79 -7.11
N VAL A 182 -30.38 3.00 -6.06
CA VAL A 182 -30.74 1.93 -5.14
C VAL A 182 -31.43 0.79 -5.88
N LYS A 183 -32.03 1.13 -7.02
CA LYS A 183 -32.74 0.15 -7.83
C LYS A 183 -31.78 -0.91 -8.37
N TYR A 184 -30.55 -0.51 -8.70
CA TYR A 184 -29.55 -1.42 -9.23
C TYR A 184 -28.47 -1.72 -8.19
N THR A 185 -28.89 -1.81 -6.93
CA THR A 185 -27.98 -2.09 -5.83
C THR A 185 -28.47 -3.38 -5.18
N THR A 186 -27.60 -4.38 -5.11
CA THR A 186 -28.00 -5.68 -4.57
C THR A 186 -26.98 -6.49 -3.79
N VAL A 187 -27.47 -7.56 -3.20
CA VAL A 187 -26.67 -8.51 -2.44
C VAL A 187 -26.93 -9.85 -3.13
N ALA A 188 -25.95 -10.28 -3.94
CA ALA A 188 -26.07 -11.53 -4.67
C ALA A 188 -27.34 -11.47 -5.52
N GLY A 189 -27.54 -10.34 -6.20
CA GLY A 189 -28.71 -10.19 -7.05
C GLY A 189 -29.98 -9.75 -6.34
N ILE A 190 -30.07 -10.03 -5.04
CA ILE A 190 -31.23 -9.65 -4.26
C ILE A 190 -31.25 -8.13 -4.01
N PRO A 191 -32.33 -7.45 -4.40
CA PRO A 191 -32.44 -6.00 -4.20
C PRO A 191 -32.25 -5.60 -2.74
N VAL A 192 -31.42 -4.60 -2.49
CA VAL A 192 -31.17 -4.14 -1.14
C VAL A 192 -32.44 -3.60 -0.51
N ALA A 193 -33.34 -3.08 -1.34
CA ALA A 193 -34.61 -2.58 -0.83
C ALA A 193 -35.37 -3.72 -0.16
N ASP A 194 -35.01 -4.97 -0.50
CA ASP A 194 -35.66 -6.13 0.11
C ASP A 194 -34.92 -6.62 1.34
N LEU A 195 -33.81 -5.97 1.69
CA LEU A 195 -33.04 -6.43 2.85
C LEU A 195 -32.77 -5.33 3.88
N ILE A 196 -32.91 -4.07 3.46
CA ILE A 196 -32.65 -2.94 4.36
C ILE A 196 -33.74 -1.87 4.21
N SER A 197 -34.21 -1.37 5.35
CA SER A 197 -35.25 -0.33 5.36
C SER A 197 -34.84 0.89 4.55
N ALA A 198 -35.81 1.48 3.86
CA ALA A 198 -35.55 2.67 3.04
C ALA A 198 -34.87 3.75 3.86
N GLU A 199 -35.34 3.93 5.09
CA GLU A 199 -34.80 4.94 6.01
C GLU A 199 -33.30 4.74 6.23
N ARG A 200 -32.89 3.50 6.46
CA ARG A 200 -31.49 3.19 6.69
C ARG A 200 -30.68 3.24 5.41
N ILE A 201 -31.32 2.95 4.28
CA ILE A 201 -30.66 2.98 2.98
C ILE A 201 -30.22 4.40 2.65
N ALA A 202 -31.09 5.36 2.93
CA ALA A 202 -30.80 6.78 2.66
C ALA A 202 -29.59 7.25 3.45
N GLU A 203 -29.45 6.76 4.68
CA GLU A 203 -28.32 7.13 5.51
C GLU A 203 -27.04 6.59 4.86
N LEU A 204 -27.06 5.30 4.50
CA LEU A 204 -25.92 4.68 3.85
C LEU A 204 -25.64 5.41 2.55
N VAL A 205 -26.69 5.89 1.90
CA VAL A 205 -26.52 6.64 0.66
C VAL A 205 -25.90 7.99 1.02
N GLU A 206 -26.15 8.44 2.26
CA GLU A 206 -25.60 9.71 2.73
C GLU A 206 -24.12 9.56 3.05
N ARG A 207 -23.79 8.50 3.78
CA ARG A 207 -22.41 8.22 4.13
C ARG A 207 -21.59 8.13 2.85
N THR A 208 -22.12 7.41 1.86
CA THR A 208 -21.44 7.27 0.59
C THR A 208 -21.17 8.65 0.01
N ARG A 209 -22.23 9.44 -0.07
CA ARG A 209 -22.16 10.79 -0.62
C ARG A 209 -21.01 11.61 -0.01
N THR A 210 -20.87 11.56 1.31
CA THR A 210 -19.82 12.33 1.99
C THR A 210 -18.63 11.46 2.42
N GLY A 211 -18.49 10.31 1.77
CA GLY A 211 -17.42 9.37 2.09
C GLY A 211 -16.02 9.93 2.14
N GLY A 212 -15.64 10.69 1.13
CA GLY A 212 -14.31 11.28 1.10
C GLY A 212 -14.08 12.23 2.28
N ALA A 213 -15.07 13.06 2.56
CA ALA A 213 -14.97 14.03 3.66
C ALA A 213 -14.82 13.30 4.99
N GLU A 214 -15.43 12.12 5.11
CA GLU A 214 -15.32 11.36 6.35
C GLU A 214 -13.87 10.92 6.58
N ILE A 215 -13.16 10.62 5.49
CA ILE A 215 -11.78 10.20 5.56
C ILE A 215 -10.92 11.44 5.85
N VAL A 216 -11.21 12.52 5.12
CA VAL A 216 -10.48 13.76 5.29
C VAL A 216 -10.51 14.27 6.74
N ASN A 217 -11.70 14.26 7.35
CA ASN A 217 -11.83 14.72 8.72
C ASN A 217 -11.05 13.86 9.71
N HIS A 218 -10.85 12.60 9.36
CA HIS A 218 -10.10 11.71 10.23
C HIS A 218 -8.60 11.97 10.08
N LEU A 219 -8.13 11.92 8.84
CA LEU A 219 -6.72 12.14 8.52
C LEU A 219 -6.29 13.56 8.88
N LYS A 220 -7.17 14.53 8.61
CA LYS A 220 -6.92 15.93 8.91
C LYS A 220 -5.87 16.64 8.05
N GLN A 221 -4.83 15.91 7.63
CA GLN A 221 -3.77 16.52 6.82
C GLN A 221 -3.77 16.07 5.36
N GLY A 222 -4.75 15.26 4.99
CA GLY A 222 -4.85 14.78 3.63
C GLY A 222 -6.10 13.96 3.43
N SER A 223 -6.22 13.30 2.29
CA SER A 223 -7.41 12.49 2.01
C SER A 223 -7.10 10.99 1.88
N ALA A 224 -8.09 10.22 1.43
CA ALA A 224 -7.95 8.78 1.27
C ALA A 224 -7.11 8.42 0.05
N PHE A 225 -6.48 7.26 0.08
CA PHE A 225 -5.67 6.83 -1.06
C PHE A 225 -5.70 5.32 -1.31
N TYR A 226 -5.94 4.53 -0.27
CA TYR A 226 -5.99 3.08 -0.44
C TYR A 226 -7.10 2.67 -1.40
N SER A 227 -8.35 2.96 -1.04
CA SER A 227 -9.47 2.63 -1.92
C SER A 227 -9.31 3.32 -3.26
N PRO A 228 -8.93 4.61 -3.25
CA PRO A 228 -8.77 5.27 -4.54
C PRO A 228 -7.74 4.59 -5.45
N ALA A 229 -6.64 4.12 -4.86
CA ALA A 229 -5.59 3.46 -5.63
C ALA A 229 -6.07 2.11 -6.12
N THR A 230 -6.78 1.39 -5.26
CA THR A 230 -7.32 0.09 -5.62
C THR A 230 -8.28 0.20 -6.82
N SER A 231 -9.12 1.23 -6.79
CA SER A 231 -10.11 1.50 -7.82
C SER A 231 -9.46 1.86 -9.15
N VAL A 232 -8.43 2.69 -9.10
CA VAL A 232 -7.75 3.10 -10.32
C VAL A 232 -7.15 1.89 -11.02
N VAL A 233 -6.53 1.02 -10.23
CA VAL A 233 -5.89 -0.16 -10.76
C VAL A 233 -6.93 -1.13 -11.33
N GLU A 234 -8.07 -1.26 -10.66
CA GLU A 234 -9.11 -2.15 -11.18
C GLU A 234 -9.38 -1.72 -12.62
N MET A 235 -9.39 -0.41 -12.86
CA MET A 235 -9.63 0.14 -14.18
C MET A 235 -8.49 -0.11 -15.15
N VAL A 236 -7.26 0.08 -14.70
CA VAL A 236 -6.09 -0.11 -15.55
C VAL A 236 -5.95 -1.59 -15.91
N GLU A 237 -6.19 -2.46 -14.94
CA GLU A 237 -6.10 -3.89 -15.17
C GLU A 237 -7.05 -4.28 -16.31
N SER A 238 -8.25 -3.70 -16.31
CA SER A 238 -9.22 -4.00 -17.35
C SER A 238 -8.65 -3.63 -18.72
N ILE A 239 -7.99 -2.48 -18.79
CA ILE A 239 -7.42 -2.05 -20.05
C ILE A 239 -6.26 -2.94 -20.45
N VAL A 240 -5.33 -3.15 -19.53
CA VAL A 240 -4.15 -3.97 -19.80
C VAL A 240 -4.51 -5.39 -20.22
N LEU A 241 -5.38 -6.03 -19.45
CA LEU A 241 -5.79 -7.39 -19.74
C LEU A 241 -7.02 -7.47 -20.67
N ASP A 242 -7.45 -6.34 -21.21
CA ASP A 242 -8.60 -6.28 -22.10
C ASP A 242 -9.76 -7.15 -21.59
N ARG A 243 -10.07 -7.03 -20.29
CA ARG A 243 -11.14 -7.82 -19.67
C ARG A 243 -12.56 -7.37 -20.01
N LYS A 244 -12.68 -6.28 -20.77
CA LYS A 244 -14.01 -5.75 -21.13
C LYS A 244 -14.89 -5.60 -19.89
N ARG A 245 -14.34 -5.09 -18.81
CA ARG A 245 -15.14 -4.92 -17.59
C ARG A 245 -16.07 -3.72 -17.67
N VAL A 246 -17.17 -3.78 -16.91
CA VAL A 246 -18.17 -2.71 -16.90
C VAL A 246 -18.07 -1.97 -15.59
N LEU A 247 -17.49 -0.78 -15.66
CA LEU A 247 -17.28 0.03 -14.47
C LEU A 247 -17.74 1.47 -14.66
N THR A 248 -18.21 2.10 -13.58
CA THR A 248 -18.66 3.49 -13.65
C THR A 248 -17.46 4.43 -13.67
N CYS A 249 -17.24 5.06 -14.80
CA CYS A 249 -16.11 5.97 -14.96
C CYS A 249 -16.56 7.31 -15.54
N ALA A 250 -15.74 8.33 -15.37
CA ALA A 250 -16.08 9.65 -15.91
C ALA A 250 -15.63 9.71 -17.37
N VAL A 251 -16.59 9.81 -18.28
CA VAL A 251 -16.29 9.89 -19.71
C VAL A 251 -17.12 10.99 -20.38
N SER A 252 -16.69 11.38 -21.58
CA SER A 252 -17.36 12.39 -22.38
C SER A 252 -18.52 11.80 -23.19
N LEU A 253 -19.75 12.13 -22.77
CA LEU A 253 -20.94 11.64 -23.44
C LEU A 253 -21.19 12.26 -24.81
N ASP A 254 -22.10 11.65 -25.54
CA ASP A 254 -22.48 12.09 -26.87
C ASP A 254 -23.97 11.86 -27.05
N GLY A 255 -24.76 12.35 -26.09
CA GLY A 255 -26.19 12.19 -26.19
C GLY A 255 -26.81 11.33 -25.12
N GLN A 256 -26.16 10.21 -24.76
CA GLN A 256 -26.72 9.35 -23.73
C GLN A 256 -27.10 10.15 -22.50
N TYR A 257 -28.20 9.74 -21.87
CA TYR A 257 -28.72 10.41 -20.68
C TYR A 257 -29.08 11.87 -20.97
N GLY A 258 -29.19 12.23 -22.24
CA GLY A 258 -29.54 13.58 -22.60
C GLY A 258 -28.45 14.57 -22.28
N ILE A 259 -27.20 14.13 -22.42
CA ILE A 259 -26.04 14.95 -22.13
C ILE A 259 -25.03 14.87 -23.27
N ASP A 260 -24.54 16.02 -23.70
CA ASP A 260 -23.58 16.05 -24.80
C ASP A 260 -22.27 16.74 -24.42
N GLY A 261 -21.17 16.21 -24.96
CA GLY A 261 -19.85 16.78 -24.70
C GLY A 261 -19.26 16.63 -23.31
N THR A 262 -20.01 17.03 -22.28
CA THR A 262 -19.52 16.96 -20.92
C THR A 262 -19.18 15.56 -20.39
N PHE A 263 -18.27 15.51 -19.42
CA PHE A 263 -17.84 14.27 -18.79
C PHE A 263 -18.76 13.91 -17.64
N VAL A 264 -19.25 12.67 -17.64
CA VAL A 264 -20.16 12.20 -16.60
C VAL A 264 -19.72 10.80 -16.18
N GLY A 265 -20.04 10.42 -14.95
CA GLY A 265 -19.70 9.09 -14.47
C GLY A 265 -20.80 8.10 -14.82
N VAL A 266 -20.58 7.31 -15.88
CA VAL A 266 -21.56 6.33 -16.34
C VAL A 266 -20.94 4.94 -16.53
N PRO A 267 -21.79 3.89 -16.59
CA PRO A 267 -21.30 2.52 -16.77
C PRO A 267 -20.65 2.37 -18.15
N VAL A 268 -19.41 1.89 -18.18
CA VAL A 268 -18.73 1.74 -19.46
C VAL A 268 -17.97 0.42 -19.57
N LYS A 269 -17.76 -0.03 -20.81
CA LYS A 269 -17.04 -1.26 -21.06
C LYS A 269 -15.60 -0.83 -21.33
N LEU A 270 -14.70 -1.24 -20.43
CA LEU A 270 -13.29 -0.87 -20.50
C LEU A 270 -12.37 -1.94 -21.11
N GLY A 271 -11.71 -1.59 -22.21
CA GLY A 271 -10.80 -2.50 -22.87
C GLY A 271 -9.48 -1.85 -23.27
N LYS A 272 -8.71 -2.53 -24.13
CA LYS A 272 -7.43 -2.00 -24.57
C LYS A 272 -7.58 -0.76 -25.43
N ASN A 273 -8.78 -0.52 -25.95
CA ASN A 273 -9.02 0.67 -26.77
C ASN A 273 -9.67 1.76 -25.94
N GLY A 274 -9.70 1.53 -24.62
CA GLY A 274 -10.29 2.49 -23.70
C GLY A 274 -11.78 2.27 -23.55
N VAL A 275 -12.57 3.33 -23.71
CA VAL A 275 -14.03 3.23 -23.61
C VAL A 275 -14.49 2.53 -24.88
N GLU A 276 -14.94 1.29 -24.74
CA GLU A 276 -15.38 0.55 -25.91
C GLU A 276 -16.89 0.58 -26.07
N HIS A 277 -17.57 1.04 -25.02
CA HIS A 277 -19.01 1.16 -25.05
C HIS A 277 -19.55 1.88 -23.83
N ILE A 278 -20.45 2.82 -24.06
CA ILE A 278 -21.09 3.58 -22.99
C ILE A 278 -22.47 2.98 -22.79
N TYR A 279 -22.81 2.58 -21.57
CA TYR A 279 -24.12 2.01 -21.31
C TYR A 279 -25.09 3.08 -20.84
N GLU A 280 -26.20 3.19 -21.55
CA GLU A 280 -27.24 4.14 -21.18
C GLU A 280 -28.31 3.31 -20.49
N ILE A 281 -28.23 3.20 -19.18
CA ILE A 281 -29.20 2.43 -18.44
C ILE A 281 -30.52 3.16 -18.26
N LYS A 282 -31.48 2.47 -17.66
CA LYS A 282 -32.81 3.02 -17.43
C LYS A 282 -32.94 3.72 -16.08
N LEU A 283 -33.12 5.03 -16.13
CA LEU A 283 -33.25 5.82 -14.92
C LEU A 283 -34.57 6.56 -14.91
N ASP A 284 -35.13 6.75 -13.73
CA ASP A 284 -36.36 7.50 -13.66
C ASP A 284 -36.05 9.00 -13.77
N GLN A 285 -37.06 9.77 -14.16
CA GLN A 285 -36.97 11.21 -14.35
C GLN A 285 -36.15 11.96 -13.29
N SER A 286 -36.38 11.65 -12.02
CA SER A 286 -35.65 12.33 -10.96
C SER A 286 -34.12 12.18 -11.06
N ASP A 287 -33.66 10.97 -11.40
CA ASP A 287 -32.22 10.73 -11.54
C ASP A 287 -31.66 11.36 -12.82
N LEU A 288 -32.39 11.29 -13.91
CA LEU A 288 -31.90 11.89 -15.15
C LEU A 288 -31.79 13.39 -14.93
N ASP A 289 -32.68 13.90 -14.11
CA ASP A 289 -32.73 15.32 -13.79
C ASP A 289 -31.45 15.80 -13.06
N LEU A 290 -31.10 15.13 -11.97
CA LEU A 290 -29.90 15.50 -11.21
C LEU A 290 -28.68 15.37 -12.12
N LEU A 291 -28.56 14.20 -12.72
CA LEU A 291 -27.46 13.90 -13.63
C LEU A 291 -27.25 15.00 -14.65
N GLN A 292 -28.35 15.54 -15.16
CA GLN A 292 -28.26 16.60 -16.17
C GLN A 292 -27.94 17.98 -15.54
N LYS A 293 -28.43 18.22 -14.34
CA LYS A 293 -28.16 19.50 -13.67
C LYS A 293 -26.67 19.53 -13.39
N SER A 294 -26.21 18.50 -12.71
CA SER A 294 -24.79 18.37 -12.38
C SER A 294 -23.99 18.61 -13.65
N ALA A 295 -24.32 17.84 -14.69
CA ALA A 295 -23.65 17.93 -15.97
C ALA A 295 -23.54 19.34 -16.52
N LYS A 296 -24.55 20.17 -16.28
CA LYS A 296 -24.52 21.55 -16.77
C LYS A 296 -23.57 22.39 -15.94
N ILE A 297 -23.58 22.16 -14.64
CA ILE A 297 -22.69 22.88 -13.73
C ILE A 297 -21.25 22.61 -14.19
N VAL A 298 -20.93 21.34 -14.37
CA VAL A 298 -19.61 20.93 -14.81
C VAL A 298 -19.31 21.54 -16.17
N ASP A 299 -20.29 21.47 -17.06
CA ASP A 299 -20.13 22.00 -18.41
C ASP A 299 -19.92 23.51 -18.32
N GLU A 300 -20.36 24.10 -17.21
CA GLU A 300 -20.21 25.53 -17.00
C GLU A 300 -18.74 25.89 -16.79
N ASN A 301 -18.18 25.33 -15.72
CA ASN A 301 -16.78 25.57 -15.37
C ASN A 301 -15.84 25.30 -16.54
N CYS A 302 -15.96 24.12 -17.14
CA CYS A 302 -15.11 23.73 -18.25
C CYS A 302 -14.95 24.83 -19.32
N LYS A 303 -16.05 25.46 -19.70
CA LYS A 303 -16.01 26.51 -20.69
C LYS A 303 -15.38 27.76 -20.07
N MET A 304 -15.69 27.99 -18.79
CA MET A 304 -15.14 29.13 -18.06
C MET A 304 -13.62 29.01 -18.01
N LEU A 305 -13.12 27.83 -18.38
CA LEU A 305 -11.68 27.55 -18.42
C LEU A 305 -11.27 27.47 -19.88
N MET B 1 -8.43 -15.80 14.00
CA MET B 1 -7.13 -15.07 13.90
C MET B 1 -7.38 -13.57 13.98
N LYS B 2 -6.83 -12.95 15.02
CA LYS B 2 -6.96 -11.52 15.24
C LYS B 2 -5.57 -10.90 15.37
N ILE B 3 -5.26 -9.97 14.48
CA ILE B 3 -3.97 -9.28 14.45
C ILE B 3 -4.11 -7.79 14.76
N THR B 4 -3.13 -7.27 15.48
CA THR B 4 -3.10 -5.86 15.85
C THR B 4 -1.78 -5.25 15.43
N VAL B 5 -1.86 -4.15 14.69
CA VAL B 5 -0.68 -3.44 14.27
C VAL B 5 -0.65 -2.10 15.02
N ILE B 6 0.31 -1.97 15.94
CA ILE B 6 0.49 -0.75 16.72
C ILE B 6 1.31 0.22 15.87
N GLY B 7 0.81 1.44 15.72
CA GLY B 7 1.50 2.43 14.91
C GLY B 7 0.81 2.57 13.57
N ALA B 8 0.25 3.74 13.29
CA ALA B 8 -0.48 3.97 12.05
C ALA B 8 0.24 4.83 11.01
N GLY B 9 1.56 4.91 11.13
CA GLY B 9 2.33 5.69 10.16
C GLY B 9 2.53 4.85 8.93
N ASN B 10 3.33 5.32 7.99
CA ASN B 10 3.55 4.57 6.75
C ASN B 10 3.86 3.07 6.91
N VAL B 11 4.76 2.72 7.83
CA VAL B 11 5.12 1.32 8.02
C VAL B 11 3.98 0.44 8.49
N GLY B 12 3.37 0.81 9.62
CA GLY B 12 2.27 0.03 10.16
C GLY B 12 1.01 0.07 9.30
N ALA B 13 0.80 1.16 8.57
CA ALA B 13 -0.38 1.27 7.73
C ALA B 13 -0.19 0.49 6.44
N THR B 14 1.01 0.54 5.88
CA THR B 14 1.29 -0.21 4.66
C THR B 14 1.21 -1.69 5.02
N THR B 15 1.67 -2.01 6.22
CA THR B 15 1.66 -3.37 6.73
C THR B 15 0.24 -3.89 6.92
N ALA B 16 -0.58 -3.15 7.66
CA ALA B 16 -1.95 -3.54 7.92
C ALA B 16 -2.74 -3.75 6.61
N PHE B 17 -2.57 -2.85 5.67
CA PHE B 17 -3.27 -2.95 4.40
C PHE B 17 -2.92 -4.27 3.71
N ARG B 18 -1.62 -4.57 3.62
CA ARG B 18 -1.16 -5.80 2.99
C ARG B 18 -1.72 -7.01 3.73
N LEU B 19 -1.74 -6.92 5.05
CA LEU B 19 -2.25 -8.00 5.89
C LEU B 19 -3.75 -8.14 5.67
N ALA B 20 -4.41 -7.03 5.37
CA ALA B 20 -5.86 -7.04 5.15
C ALA B 20 -6.19 -7.75 3.83
N GLU B 21 -5.56 -7.31 2.76
CA GLU B 21 -5.79 -7.90 1.45
C GLU B 21 -5.36 -9.36 1.32
N LYS B 22 -4.33 -9.76 2.06
CA LYS B 22 -3.86 -11.14 2.01
C LYS B 22 -4.79 -12.04 2.79
N GLN B 23 -5.69 -11.42 3.55
CA GLN B 23 -6.67 -12.13 4.36
C GLN B 23 -6.07 -13.04 5.41
N LEU B 24 -4.88 -12.68 5.87
CA LEU B 24 -4.21 -13.48 6.89
C LEU B 24 -4.88 -13.35 8.24
N ALA B 25 -5.91 -12.51 8.30
CA ALA B 25 -6.63 -12.32 9.57
C ALA B 25 -8.11 -12.00 9.35
N ARG B 26 -8.94 -12.38 10.32
CA ARG B 26 -10.38 -12.11 10.25
C ARG B 26 -10.56 -10.67 10.74
N GLU B 27 -9.93 -10.38 11.87
CA GLU B 27 -9.96 -9.06 12.50
C GLU B 27 -8.57 -8.47 12.53
N LEU B 28 -8.47 -7.22 12.10
CA LEU B 28 -7.22 -6.47 12.09
C LEU B 28 -7.47 -5.12 12.75
N VAL B 29 -6.71 -4.82 13.80
CA VAL B 29 -6.85 -3.56 14.51
C VAL B 29 -5.61 -2.68 14.32
N LEU B 30 -5.82 -1.49 13.77
CA LEU B 30 -4.75 -0.53 13.55
C LEU B 30 -4.89 0.49 14.69
N LEU B 31 -3.94 0.47 15.62
CA LEU B 31 -3.99 1.39 16.75
C LEU B 31 -2.84 2.38 16.78
N ASP B 32 -3.14 3.60 17.20
CA ASP B 32 -2.13 4.66 17.31
C ASP B 32 -2.55 5.66 18.38
N VAL B 33 -1.64 6.56 18.74
CA VAL B 33 -1.91 7.56 19.76
C VAL B 33 -2.74 8.76 19.27
N VAL B 34 -2.42 9.26 18.09
CA VAL B 34 -3.13 10.40 17.51
C VAL B 34 -4.58 10.07 17.15
N GLU B 35 -5.50 10.91 17.61
CA GLU B 35 -6.92 10.70 17.32
C GLU B 35 -7.17 10.87 15.83
N GLY B 36 -8.16 10.14 15.31
CA GLY B 36 -8.52 10.26 13.91
C GLY B 36 -7.74 9.47 12.86
N ILE B 37 -6.44 9.69 12.77
CA ILE B 37 -5.60 9.02 11.78
C ILE B 37 -5.81 7.51 11.66
N PRO B 38 -5.74 6.77 12.77
CA PRO B 38 -5.95 5.33 12.66
C PRO B 38 -7.34 4.96 12.13
N GLN B 39 -8.35 5.70 12.59
CA GLN B 39 -9.72 5.45 12.15
C GLN B 39 -9.93 5.71 10.67
N GLY B 40 -9.26 6.73 10.15
CA GLY B 40 -9.42 7.06 8.74
C GLY B 40 -8.71 6.11 7.82
N LYS B 41 -7.49 5.73 8.20
CA LYS B 41 -6.71 4.82 7.38
C LYS B 41 -7.34 3.42 7.34
N ALA B 42 -7.78 2.91 8.49
CA ALA B 42 -8.41 1.61 8.56
C ALA B 42 -9.69 1.58 7.75
N LEU B 43 -10.41 2.70 7.73
CA LEU B 43 -11.67 2.81 6.98
C LEU B 43 -11.34 2.83 5.49
N ASP B 44 -10.30 3.57 5.13
CA ASP B 44 -9.88 3.66 3.74
C ASP B 44 -9.51 2.23 3.27
N MET B 45 -8.85 1.47 4.15
CA MET B 45 -8.46 0.11 3.85
C MET B 45 -9.68 -0.79 3.68
N TYR B 46 -10.61 -0.70 4.63
CA TYR B 46 -11.82 -1.50 4.60
C TYR B 46 -12.64 -1.25 3.32
N GLU B 47 -12.83 0.02 2.96
CA GLU B 47 -13.60 0.37 1.78
C GLU B 47 -12.89 -0.11 0.52
N SER B 48 -11.74 -0.74 0.73
CA SER B 48 -10.97 -1.26 -0.39
C SER B 48 -11.39 -2.72 -0.60
N GLY B 49 -11.96 -3.32 0.44
CA GLY B 49 -12.38 -4.70 0.37
C GLY B 49 -13.20 -5.13 -0.85
N PRO B 50 -14.24 -4.37 -1.24
CA PRO B 50 -15.05 -4.75 -2.40
C PRO B 50 -14.33 -4.77 -3.74
N VAL B 51 -13.25 -4.01 -3.87
CA VAL B 51 -12.52 -4.00 -5.14
C VAL B 51 -11.31 -4.92 -5.08
N GLY B 52 -10.71 -5.05 -3.90
CA GLY B 52 -9.56 -5.91 -3.74
C GLY B 52 -9.96 -7.34 -3.39
N LEU B 53 -11.27 -7.50 -3.17
CA LEU B 53 -11.89 -8.78 -2.85
C LEU B 53 -11.46 -9.50 -1.57
N PHE B 54 -11.35 -8.75 -0.48
CA PHE B 54 -11.02 -9.33 0.81
C PHE B 54 -12.11 -8.88 1.75
N ASP B 55 -12.30 -9.59 2.85
CA ASP B 55 -13.35 -9.24 3.80
C ASP B 55 -12.83 -9.07 5.23
N THR B 56 -11.54 -8.80 5.35
CA THR B 56 -10.92 -8.60 6.66
C THR B 56 -11.59 -7.39 7.34
N LYS B 57 -12.00 -7.56 8.59
CA LYS B 57 -12.61 -6.48 9.35
C LYS B 57 -11.51 -5.59 9.93
N VAL B 58 -11.16 -4.53 9.19
CA VAL B 58 -10.11 -3.60 9.60
C VAL B 58 -10.63 -2.33 10.29
N THR B 59 -10.33 -2.17 11.57
CA THR B 59 -10.77 -0.99 12.31
C THR B 59 -9.63 -0.23 12.98
N GLY B 60 -9.72 1.11 12.95
CA GLY B 60 -8.71 1.95 13.59
C GLY B 60 -9.21 2.36 14.97
N SER B 61 -8.29 2.43 15.94
CA SER B 61 -8.67 2.77 17.31
C SER B 61 -7.59 3.56 18.08
N ASN B 62 -7.90 3.86 19.33
CA ASN B 62 -6.98 4.57 20.24
C ASN B 62 -7.10 3.84 21.58
N ASP B 63 -8.04 2.92 21.66
CA ASP B 63 -8.29 2.17 22.89
C ASP B 63 -7.74 0.75 22.81
N TYR B 64 -6.75 0.44 23.65
CA TYR B 64 -6.16 -0.88 23.65
C TYR B 64 -7.18 -1.98 23.92
N ALA B 65 -8.31 -1.61 24.50
CA ALA B 65 -9.34 -2.59 24.78
C ALA B 65 -9.84 -3.25 23.48
N ASP B 66 -9.59 -2.58 22.36
CA ASP B 66 -10.00 -3.09 21.05
C ASP B 66 -8.98 -4.08 20.49
N THR B 67 -7.88 -4.29 21.22
CA THR B 67 -6.85 -5.20 20.78
C THR B 67 -6.86 -6.41 21.70
N ALA B 68 -7.95 -6.57 22.43
CA ALA B 68 -8.08 -7.70 23.36
C ALA B 68 -8.15 -9.05 22.63
N ASN B 69 -7.38 -10.01 23.13
CA ASN B 69 -7.35 -11.36 22.58
C ASN B 69 -6.68 -11.44 21.20
N SER B 70 -5.71 -10.58 20.93
CA SER B 70 -5.02 -10.63 19.65
C SER B 70 -4.07 -11.82 19.64
N ASP B 71 -3.96 -12.48 18.49
CA ASP B 71 -3.09 -13.63 18.34
C ASP B 71 -1.70 -13.14 17.99
N ILE B 72 -1.64 -12.14 17.13
CA ILE B 72 -0.38 -11.56 16.71
C ILE B 72 -0.47 -10.05 16.83
N VAL B 73 0.63 -9.45 17.30
CA VAL B 73 0.73 -8.02 17.48
C VAL B 73 2.00 -7.49 16.81
N VAL B 74 1.83 -6.55 15.88
CA VAL B 74 2.97 -5.96 15.18
C VAL B 74 3.21 -4.56 15.76
N ILE B 75 4.36 -4.39 16.40
CA ILE B 75 4.73 -3.11 17.01
C ILE B 75 5.64 -2.30 16.09
N THR B 76 5.10 -1.22 15.54
CA THR B 76 5.85 -0.34 14.65
C THR B 76 5.95 1.06 15.26
N ALA B 77 5.61 1.17 16.53
CA ALA B 77 5.67 2.46 17.23
C ALA B 77 7.09 2.97 17.39
N GLY B 78 7.30 4.24 17.08
CA GLY B 78 8.62 4.84 17.20
C GLY B 78 8.57 6.33 16.89
N LEU B 79 9.60 7.07 17.30
CA LEU B 79 9.65 8.51 17.06
C LEU B 79 11.01 8.96 16.54
N LEU B 90 17.09 9.41 22.92
CA LEU B 90 16.34 8.75 21.83
C LEU B 90 16.17 7.26 22.10
N LEU B 91 17.28 6.55 22.19
CA LEU B 91 17.25 5.12 22.48
C LEU B 91 16.43 4.91 23.74
N SER B 92 16.62 5.80 24.70
CA SER B 92 15.89 5.72 25.96
C SER B 92 14.43 6.10 25.75
N MET B 93 14.19 6.98 24.79
CA MET B 93 12.82 7.40 24.49
C MET B 93 12.02 6.25 23.90
N ASN B 94 12.45 5.79 22.73
CA ASN B 94 11.80 4.69 22.04
C ASN B 94 11.67 3.46 22.92
N ALA B 95 12.70 3.16 23.71
CA ALA B 95 12.63 2.01 24.58
C ALA B 95 11.43 2.15 25.51
N GLY B 96 11.18 3.39 25.93
CA GLY B 96 10.05 3.66 26.80
C GLY B 96 8.73 3.50 26.05
N ILE B 97 8.72 3.96 24.81
CA ILE B 97 7.53 3.86 23.97
C ILE B 97 7.20 2.38 23.79
N VAL B 98 8.19 1.61 23.35
CA VAL B 98 8.01 0.19 23.15
C VAL B 98 7.58 -0.51 24.45
N ARG B 99 8.27 -0.22 25.55
CA ARG B 99 7.93 -0.86 26.81
C ARG B 99 6.49 -0.59 27.24
N GLU B 100 6.06 0.66 27.08
CA GLU B 100 4.72 1.06 27.47
C GLU B 100 3.69 0.32 26.61
N VAL B 101 3.87 0.37 25.29
CA VAL B 101 2.95 -0.30 24.36
C VAL B 101 2.81 -1.77 24.70
N THR B 102 3.94 -2.45 24.87
CA THR B 102 3.94 -3.86 25.21
C THR B 102 3.07 -4.07 26.45
N GLY B 103 3.28 -3.21 27.45
CA GLY B 103 2.52 -3.33 28.68
C GLY B 103 1.02 -3.14 28.49
N ARG B 104 0.63 -2.25 27.60
CA ARG B 104 -0.78 -2.00 27.35
C ARG B 104 -1.47 -3.17 26.66
N ILE B 105 -0.77 -3.79 25.69
CA ILE B 105 -1.35 -4.92 24.98
C ILE B 105 -1.40 -6.14 25.88
N MET B 106 -0.37 -6.31 26.71
CA MET B 106 -0.34 -7.46 27.61
C MET B 106 -1.46 -7.43 28.63
N GLU B 107 -2.17 -6.30 28.68
CA GLU B 107 -3.28 -6.14 29.61
C GLU B 107 -4.57 -6.67 28.98
N HIS B 108 -4.57 -6.75 27.65
CA HIS B 108 -5.73 -7.22 26.91
C HIS B 108 -5.51 -8.49 26.10
N SER B 109 -4.31 -9.07 26.20
CA SER B 109 -3.97 -10.30 25.50
C SER B 109 -2.94 -11.07 26.32
N LYS B 110 -3.31 -12.27 26.75
CA LYS B 110 -2.43 -13.08 27.60
C LYS B 110 -1.35 -13.91 26.93
N ASN B 111 -1.46 -14.15 25.63
CA ASN B 111 -0.45 -14.97 24.97
C ASN B 111 -0.36 -14.78 23.46
N PRO B 112 0.07 -13.59 23.00
CA PRO B 112 0.16 -13.39 21.55
C PRO B 112 1.61 -13.55 21.09
N ILE B 113 1.84 -13.39 19.80
CA ILE B 113 3.20 -13.45 19.27
C ILE B 113 3.45 -11.97 19.00
N ILE B 114 4.60 -11.46 19.42
CA ILE B 114 4.90 -10.06 19.19
C ILE B 114 6.03 -9.89 18.20
N VAL B 115 5.74 -9.17 17.13
CA VAL B 115 6.73 -8.89 16.09
C VAL B 115 7.07 -7.41 16.18
N VAL B 116 8.32 -7.12 16.55
CA VAL B 116 8.78 -5.74 16.70
C VAL B 116 9.40 -5.21 15.43
N VAL B 117 9.16 -3.93 15.13
CA VAL B 117 9.73 -3.32 13.94
C VAL B 117 10.40 -1.98 14.25
N SER B 118 10.55 -1.66 15.54
CA SER B 118 11.19 -0.40 15.94
C SER B 118 12.70 -0.51 16.00
N ASN B 119 13.40 0.59 15.70
CA ASN B 119 14.86 0.60 15.74
C ASN B 119 15.38 1.41 16.93
N PRO B 120 16.50 0.99 17.54
CA PRO B 120 17.34 -0.19 17.22
C PRO B 120 16.54 -1.47 17.42
N LEU B 121 16.44 -2.28 16.38
CA LEU B 121 15.66 -3.51 16.44
C LEU B 121 15.94 -4.50 17.57
N ASP B 122 17.15 -5.05 17.61
CA ASP B 122 17.49 -6.03 18.63
C ASP B 122 17.14 -5.59 20.03
N ILE B 123 17.57 -4.39 20.41
CA ILE B 123 17.29 -3.88 21.75
C ILE B 123 15.79 -3.69 21.94
N MET B 124 15.14 -3.00 21.01
CA MET B 124 13.70 -2.74 21.09
C MET B 124 12.93 -4.05 21.25
N THR B 125 13.39 -5.09 20.56
CA THR B 125 12.76 -6.40 20.65
C THR B 125 12.94 -6.93 22.08
N HIS B 126 14.15 -6.80 22.61
CA HIS B 126 14.42 -7.27 23.97
C HIS B 126 13.53 -6.54 24.95
N VAL B 127 13.50 -5.21 24.83
CA VAL B 127 12.67 -4.39 25.68
C VAL B 127 11.27 -5.00 25.73
N ALA B 128 10.65 -5.14 24.56
CA ALA B 128 9.31 -5.69 24.47
C ALA B 128 9.18 -7.06 25.12
N TRP B 129 10.10 -7.95 24.77
CA TRP B 129 10.08 -9.30 25.33
C TRP B 129 10.10 -9.33 26.85
N GLN B 130 11.15 -8.78 27.44
CA GLN B 130 11.28 -8.78 28.90
C GLN B 130 10.11 -8.09 29.59
N LYS B 131 9.39 -7.25 28.86
CA LYS B 131 8.25 -6.56 29.40
C LYS B 131 7.00 -7.43 29.36
N SER B 132 6.74 -8.04 28.21
CA SER B 132 5.55 -8.89 28.06
C SER B 132 5.54 -10.08 29.02
N GLY B 133 6.73 -10.57 29.34
CA GLY B 133 6.82 -11.72 30.22
C GLY B 133 6.59 -13.01 29.47
N LEU B 134 6.36 -12.89 28.16
CA LEU B 134 6.12 -14.04 27.30
C LEU B 134 7.44 -14.78 27.09
N PRO B 135 7.36 -16.07 26.74
CA PRO B 135 8.58 -16.85 26.50
C PRO B 135 9.30 -16.32 25.25
N LYS B 136 10.61 -16.52 25.19
CA LYS B 136 11.37 -16.03 24.05
C LYS B 136 10.89 -16.50 22.67
N GLU B 137 10.02 -17.49 22.63
CA GLU B 137 9.49 -17.99 21.35
C GLU B 137 8.42 -17.09 20.76
N ARG B 138 7.67 -16.43 21.64
CA ARG B 138 6.57 -15.55 21.26
C ARG B 138 6.94 -14.11 20.88
N VAL B 139 8.22 -13.77 20.95
CA VAL B 139 8.64 -12.41 20.62
C VAL B 139 9.83 -12.37 19.68
N ILE B 140 9.66 -11.70 18.54
CA ILE B 140 10.73 -11.60 17.55
C ILE B 140 10.76 -10.22 16.88
N GLY B 141 11.88 -9.92 16.24
CA GLY B 141 12.04 -8.65 15.56
C GLY B 141 12.37 -8.82 14.09
N MET B 142 12.07 -7.79 13.30
CA MET B 142 12.29 -7.82 11.86
C MET B 142 13.41 -6.91 11.37
N ALA B 143 14.34 -7.48 10.60
CA ALA B 143 15.44 -6.73 10.02
C ALA B 143 16.14 -7.54 8.93
N GLY B 144 16.48 -8.78 9.24
CA GLY B 144 17.16 -9.64 8.27
C GLY B 144 16.44 -9.81 6.94
N VAL B 145 15.14 -10.06 6.98
CA VAL B 145 14.36 -10.21 5.75
C VAL B 145 14.54 -8.95 4.90
N LEU B 146 14.47 -7.79 5.56
CA LEU B 146 14.61 -6.52 4.85
C LEU B 146 16.00 -6.34 4.28
N ASP B 147 17.04 -6.58 5.08
CA ASP B 147 18.41 -6.43 4.55
C ASP B 147 18.62 -7.40 3.40
N SER B 148 18.17 -8.63 3.60
CA SER B 148 18.30 -9.65 2.56
C SER B 148 17.62 -9.17 1.28
N ALA B 149 16.40 -8.66 1.44
CA ALA B 149 15.64 -8.17 0.29
C ALA B 149 16.40 -7.09 -0.50
N ARG B 150 16.94 -6.09 0.20
CA ARG B 150 17.68 -5.02 -0.52
C ARG B 150 18.88 -5.62 -1.26
N PHE B 151 19.63 -6.48 -0.58
CA PHE B 151 20.80 -7.15 -1.16
C PHE B 151 20.39 -7.94 -2.40
N ARG B 152 19.35 -8.76 -2.24
CA ARG B 152 18.85 -9.57 -3.35
C ARG B 152 18.52 -8.69 -4.54
N SER B 153 17.85 -7.55 -4.32
CA SER B 153 17.51 -6.67 -5.45
C SER B 153 18.72 -6.04 -6.12
N PHE B 154 19.79 -5.77 -5.36
CA PHE B 154 20.99 -5.17 -5.95
C PHE B 154 21.66 -6.20 -6.87
N ILE B 155 21.76 -7.44 -6.39
CA ILE B 155 22.36 -8.51 -7.19
C ILE B 155 21.54 -8.71 -8.47
N ALA B 156 20.22 -8.60 -8.34
CA ALA B 156 19.33 -8.75 -9.49
C ALA B 156 19.58 -7.67 -10.51
N MET B 157 19.66 -6.43 -10.06
CA MET B 157 19.90 -5.32 -10.99
C MET B 157 21.25 -5.48 -11.69
N GLU B 158 22.22 -5.99 -10.95
CA GLU B 158 23.57 -6.21 -11.47
C GLU B 158 23.62 -7.28 -12.55
N LEU B 159 22.99 -8.42 -12.27
CA LEU B 159 22.99 -9.55 -13.17
C LEU B 159 21.89 -9.59 -14.22
N GLY B 160 20.86 -8.75 -14.04
CA GLY B 160 19.76 -8.71 -14.99
C GLY B 160 18.90 -9.96 -14.88
N VAL B 161 18.70 -10.43 -13.66
CA VAL B 161 17.90 -11.61 -13.41
C VAL B 161 16.75 -11.30 -12.45
N SER B 162 15.85 -12.27 -12.28
CA SER B 162 14.71 -12.12 -11.40
C SER B 162 15.09 -12.13 -9.91
N MET B 163 14.42 -11.29 -9.13
CA MET B 163 14.71 -11.22 -7.70
C MET B 163 14.22 -12.45 -6.97
N GLN B 164 13.33 -13.20 -7.60
CA GLN B 164 12.81 -14.39 -6.98
C GLN B 164 13.89 -15.48 -6.84
N ASP B 165 14.82 -15.47 -7.79
CA ASP B 165 15.88 -16.46 -7.84
C ASP B 165 17.17 -16.11 -7.08
N VAL B 166 17.21 -14.92 -6.48
CA VAL B 166 18.36 -14.49 -5.72
C VAL B 166 18.11 -14.82 -4.25
N THR B 167 19.11 -15.41 -3.60
CA THR B 167 19.04 -15.78 -2.19
C THR B 167 20.15 -15.02 -1.45
N ALA B 168 19.87 -14.55 -0.25
CA ALA B 168 20.89 -13.82 0.49
C ALA B 168 20.76 -14.07 1.98
N CYS B 169 21.79 -14.67 2.55
CA CYS B 169 21.82 -14.99 3.97
C CYS B 169 22.40 -13.80 4.71
N VAL B 170 21.59 -13.15 5.53
CA VAL B 170 22.06 -11.98 6.27
C VAL B 170 21.71 -12.04 7.75
N LEU B 171 22.72 -12.22 8.58
CA LEU B 171 22.51 -12.27 10.03
C LEU B 171 22.89 -10.92 10.62
N GLY B 172 22.77 -10.79 11.93
CA GLY B 172 23.12 -9.54 12.59
C GLY B 172 22.03 -8.47 12.54
N GLY B 173 22.47 -7.22 12.59
CA GLY B 173 21.53 -6.12 12.55
C GLY B 173 21.81 -5.20 11.40
N HIS B 174 21.38 -3.95 11.50
CA HIS B 174 21.58 -2.98 10.44
C HIS B 174 22.95 -2.31 10.56
N GLY B 175 23.39 -1.69 9.48
CA GLY B 175 24.68 -1.00 9.49
C GLY B 175 25.86 -1.89 9.82
N ASP B 176 26.81 -1.33 10.56
CA ASP B 176 28.01 -2.05 10.94
C ASP B 176 27.72 -3.36 11.66
N ALA B 177 26.50 -3.50 12.18
CA ALA B 177 26.14 -4.72 12.88
C ALA B 177 25.59 -5.78 11.91
N MET B 178 25.57 -5.46 10.62
CA MET B 178 25.06 -6.39 9.62
C MET B 178 26.10 -7.45 9.25
N VAL B 179 25.65 -8.70 9.21
CA VAL B 179 26.54 -9.80 8.88
C VAL B 179 26.10 -10.57 7.63
N PRO B 180 26.40 -10.01 6.45
CA PRO B 180 26.03 -10.67 5.20
C PRO B 180 26.96 -11.84 4.90
N VAL B 181 26.41 -13.04 4.80
CA VAL B 181 27.20 -14.23 4.52
C VAL B 181 27.27 -14.44 3.00
N VAL B 182 28.20 -13.74 2.34
CA VAL B 182 28.37 -13.85 0.89
C VAL B 182 28.49 -15.30 0.45
N LYS B 183 28.91 -16.13 1.40
CA LYS B 183 29.10 -17.55 1.21
C LYS B 183 27.77 -18.25 0.91
N TYR B 184 26.73 -17.84 1.61
CA TYR B 184 25.40 -18.41 1.45
C TYR B 184 24.49 -17.52 0.63
N THR B 185 25.05 -16.85 -0.37
CA THR B 185 24.30 -15.93 -1.21
C THR B 185 24.44 -16.40 -2.65
N THR B 186 23.30 -16.63 -3.30
CA THR B 186 23.30 -17.16 -4.67
C THR B 186 22.20 -16.75 -5.63
N VAL B 187 22.41 -17.12 -6.89
CA VAL B 187 21.45 -16.87 -7.97
C VAL B 187 21.12 -18.27 -8.47
N ALA B 188 19.96 -18.77 -8.05
CA ALA B 188 19.51 -20.11 -8.43
C ALA B 188 20.48 -21.17 -7.90
N GLY B 189 21.11 -20.89 -6.77
CA GLY B 189 22.06 -21.84 -6.22
C GLY B 189 23.48 -21.56 -6.65
N ILE B 190 23.64 -20.88 -7.78
CA ILE B 190 24.95 -20.53 -8.31
C ILE B 190 25.55 -19.42 -7.43
N PRO B 191 26.69 -19.68 -6.77
CA PRO B 191 27.35 -18.70 -5.90
C PRO B 191 27.56 -17.33 -6.54
N VAL B 192 27.17 -16.28 -5.83
CA VAL B 192 27.33 -14.93 -6.36
C VAL B 192 28.80 -14.72 -6.73
N ALA B 193 29.67 -15.32 -5.91
CA ALA B 193 31.11 -15.22 -6.11
C ALA B 193 31.54 -15.66 -7.51
N ASP B 194 30.72 -16.46 -8.17
CA ASP B 194 31.07 -16.93 -9.51
C ASP B 194 30.43 -16.07 -10.58
N LEU B 195 29.53 -15.19 -10.16
CA LEU B 195 28.83 -14.32 -11.11
C LEU B 195 29.23 -12.86 -11.00
N ILE B 196 29.64 -12.43 -9.81
CA ILE B 196 30.04 -11.04 -9.58
C ILE B 196 31.43 -10.94 -8.92
N SER B 197 32.25 -10.02 -9.39
CA SER B 197 33.58 -9.84 -8.81
C SER B 197 33.46 -9.45 -7.33
N ALA B 198 34.47 -9.78 -6.54
CA ALA B 198 34.46 -9.45 -5.11
C ALA B 198 34.46 -7.94 -4.93
N GLU B 199 35.06 -7.26 -5.91
CA GLU B 199 35.13 -5.82 -5.90
C GLU B 199 33.70 -5.30 -5.80
N ARG B 200 32.91 -5.58 -6.84
CA ARG B 200 31.51 -5.16 -6.91
C ARG B 200 30.65 -5.75 -5.78
N ILE B 201 30.94 -6.98 -5.38
CA ILE B 201 30.16 -7.59 -4.30
C ILE B 201 30.36 -6.77 -3.03
N ALA B 202 31.57 -6.24 -2.85
CA ALA B 202 31.89 -5.42 -1.67
C ALA B 202 31.02 -4.16 -1.70
N GLU B 203 30.87 -3.58 -2.88
CA GLU B 203 30.04 -2.40 -3.04
C GLU B 203 28.57 -2.73 -2.73
N LEU B 204 28.04 -3.77 -3.37
CA LEU B 204 26.65 -4.14 -3.15
C LEU B 204 26.39 -4.44 -1.67
N VAL B 205 27.40 -4.90 -0.97
CA VAL B 205 27.28 -5.20 0.46
C VAL B 205 27.23 -3.89 1.24
N GLU B 206 27.97 -2.91 0.74
CA GLU B 206 28.02 -1.59 1.35
C GLU B 206 26.66 -0.91 1.14
N ARG B 207 26.17 -0.93 -0.10
CA ARG B 207 24.87 -0.33 -0.38
C ARG B 207 23.78 -0.93 0.52
N THR B 208 23.93 -2.21 0.84
CA THR B 208 22.96 -2.88 1.71
C THR B 208 23.03 -2.37 3.14
N ARG B 209 24.23 -2.16 3.65
CA ARG B 209 24.42 -1.67 5.02
C ARG B 209 23.76 -0.30 5.21
N THR B 210 23.80 0.51 4.16
CA THR B 210 23.22 1.84 4.19
C THR B 210 22.00 1.96 3.28
N GLY B 211 21.23 0.88 3.18
CA GLY B 211 20.07 0.89 2.31
C GLY B 211 18.89 1.69 2.84
N GLY B 212 18.65 1.63 4.14
CA GLY B 212 17.56 2.39 4.72
C GLY B 212 17.83 3.88 4.52
N ALA B 213 19.09 4.27 4.74
CA ALA B 213 19.50 5.65 4.61
C ALA B 213 19.43 6.11 3.17
N GLU B 214 19.64 5.21 2.23
CA GLU B 214 19.58 5.60 0.83
C GLU B 214 18.16 6.06 0.49
N ILE B 215 17.18 5.44 1.15
CA ILE B 215 15.80 5.80 0.90
C ILE B 215 15.55 7.15 1.56
N VAL B 216 15.96 7.25 2.82
CA VAL B 216 15.80 8.48 3.56
C VAL B 216 16.47 9.67 2.87
N ASN B 217 17.63 9.46 2.25
CA ASN B 217 18.31 10.55 1.57
C ASN B 217 17.53 10.99 0.36
N HIS B 218 16.57 10.17 -0.05
CA HIS B 218 15.75 10.47 -1.21
C HIS B 218 14.47 11.19 -0.81
N LEU B 219 13.80 10.64 0.20
CA LEU B 219 12.53 11.17 0.69
C LEU B 219 12.67 12.34 1.64
N LYS B 220 13.85 12.47 2.24
CA LYS B 220 14.12 13.53 3.20
C LYS B 220 13.30 13.29 4.45
N GLN B 221 11.98 13.28 4.31
CA GLN B 221 11.08 13.06 5.44
C GLN B 221 10.88 11.56 5.65
N GLY B 222 10.87 11.13 6.90
CA GLY B 222 10.65 9.74 7.20
C GLY B 222 11.51 8.70 6.47
N SER B 223 11.31 7.45 6.85
CA SER B 223 12.04 6.32 6.31
C SER B 223 11.32 5.59 5.18
N ALA B 224 11.83 4.39 4.86
CA ALA B 224 11.25 3.55 3.82
C ALA B 224 10.12 2.77 4.46
N PHE B 225 9.14 2.35 3.68
CA PHE B 225 8.05 1.60 4.28
C PHE B 225 7.46 0.46 3.46
N TYR B 226 7.64 0.47 2.14
CA TYR B 226 7.12 -0.62 1.32
C TYR B 226 7.89 -1.93 1.59
N SER B 227 9.19 -1.91 1.36
CA SER B 227 10.03 -3.08 1.60
C SER B 227 9.92 -3.51 3.05
N PRO B 228 10.02 -2.55 3.99
CA PRO B 228 9.91 -2.91 5.40
C PRO B 228 8.56 -3.56 5.76
N ALA B 229 7.50 -3.07 5.14
CA ALA B 229 6.17 -3.63 5.39
C ALA B 229 6.05 -5.01 4.77
N THR B 230 6.47 -5.16 3.52
CA THR B 230 6.41 -6.44 2.84
C THR B 230 7.18 -7.52 3.61
N SER B 231 8.32 -7.14 4.20
CA SER B 231 9.15 -8.04 4.98
C SER B 231 8.42 -8.51 6.22
N VAL B 232 7.82 -7.58 6.95
CA VAL B 232 7.10 -7.92 8.17
C VAL B 232 5.96 -8.89 7.88
N VAL B 233 5.30 -8.70 6.75
CA VAL B 233 4.20 -9.58 6.41
C VAL B 233 4.69 -10.99 6.12
N GLU B 234 5.78 -11.12 5.36
CA GLU B 234 6.33 -12.43 5.03
C GLU B 234 6.49 -13.23 6.31
N MET B 235 6.98 -12.58 7.35
CA MET B 235 7.17 -13.21 8.64
C MET B 235 5.84 -13.56 9.27
N VAL B 236 4.91 -12.61 9.29
CA VAL B 236 3.59 -12.84 9.88
C VAL B 236 2.85 -13.94 9.13
N GLU B 237 2.95 -13.91 7.80
CA GLU B 237 2.30 -14.91 6.97
C GLU B 237 2.78 -16.30 7.38
N SER B 238 4.09 -16.45 7.56
CA SER B 238 4.64 -17.74 7.95
C SER B 238 4.04 -18.23 9.25
N ILE B 239 3.88 -17.33 10.22
CA ILE B 239 3.32 -17.70 11.52
C ILE B 239 1.86 -18.09 11.39
N VAL B 240 1.08 -17.23 10.74
CA VAL B 240 -0.35 -17.47 10.56
C VAL B 240 -0.67 -18.75 9.80
N LEU B 241 0.00 -18.94 8.66
CA LEU B 241 -0.24 -20.12 7.85
C LEU B 241 0.67 -21.28 8.21
N ASP B 242 1.35 -21.17 9.35
CA ASP B 242 2.24 -22.22 9.84
C ASP B 242 3.10 -22.79 8.72
N ARG B 243 3.69 -21.91 7.92
CA ARG B 243 4.51 -22.29 6.78
C ARG B 243 5.88 -22.87 7.10
N LYS B 244 6.34 -22.70 8.33
CA LYS B 244 7.66 -23.19 8.74
C LYS B 244 8.77 -22.59 7.85
N ARG B 245 8.62 -21.33 7.44
CA ARG B 245 9.65 -20.69 6.62
C ARG B 245 10.91 -20.37 7.42
N VAL B 246 12.04 -20.32 6.75
CA VAL B 246 13.31 -20.03 7.39
C VAL B 246 13.74 -18.64 6.97
N LEU B 247 13.68 -17.71 7.93
CA LEU B 247 14.03 -16.30 7.70
C LEU B 247 14.89 -15.77 8.82
N THR B 248 15.79 -14.85 8.49
CA THR B 248 16.66 -14.25 9.49
C THR B 248 15.87 -13.21 10.27
N CYS B 249 15.58 -13.53 11.53
CA CYS B 249 14.84 -12.66 12.42
C CYS B 249 15.65 -12.41 13.69
N ALA B 250 15.25 -11.40 14.47
CA ALA B 250 15.97 -11.10 15.72
C ALA B 250 15.29 -11.85 16.83
N VAL B 251 16.04 -12.76 17.46
CA VAL B 251 15.49 -13.58 18.54
C VAL B 251 16.51 -13.79 19.66
N SER B 252 16.00 -14.15 20.83
CA SER B 252 16.85 -14.39 21.98
C SER B 252 17.54 -15.75 21.88
N LEU B 253 18.86 -15.73 21.66
CA LEU B 253 19.63 -16.95 21.56
C LEU B 253 19.72 -17.60 22.93
N ASP B 254 20.19 -18.84 22.97
CA ASP B 254 20.33 -19.53 24.23
C ASP B 254 21.55 -20.44 24.16
N GLY B 255 22.60 -19.92 23.55
CA GLY B 255 23.83 -20.68 23.42
C GLY B 255 24.44 -20.60 22.05
N GLN B 256 23.62 -20.76 21.01
CA GLN B 256 24.14 -20.74 19.65
C GLN B 256 24.97 -19.50 19.33
N TYR B 257 25.98 -19.68 18.49
CA TYR B 257 26.86 -18.60 18.10
C TYR B 257 27.67 -18.07 19.29
N GLY B 258 27.71 -18.86 20.36
CA GLY B 258 28.45 -18.46 21.55
C GLY B 258 27.87 -17.21 22.18
N ILE B 259 26.55 -17.13 22.14
CA ILE B 259 25.83 -15.99 22.70
C ILE B 259 24.63 -16.53 23.46
N ASP B 260 24.32 -15.93 24.60
CA ASP B 260 23.19 -16.39 25.40
C ASP B 260 22.37 -15.24 25.97
N GLY B 261 21.05 -15.32 25.81
CA GLY B 261 20.16 -14.29 26.32
C GLY B 261 19.92 -13.12 25.39
N THR B 262 20.99 -12.52 24.87
CA THR B 262 20.88 -11.38 23.99
C THR B 262 20.29 -11.68 22.60
N PHE B 263 19.35 -10.84 22.16
CA PHE B 263 18.70 -10.98 20.86
C PHE B 263 19.64 -10.75 19.69
N VAL B 264 19.56 -11.63 18.70
CA VAL B 264 20.41 -11.53 17.52
C VAL B 264 19.62 -11.92 16.28
N GLY B 265 20.09 -11.44 15.13
CA GLY B 265 19.44 -11.75 13.87
C GLY B 265 20.05 -13.02 13.29
N VAL B 266 19.32 -14.13 13.42
CA VAL B 266 19.78 -15.43 12.93
C VAL B 266 18.68 -16.19 12.16
N PRO B 267 19.09 -17.17 11.34
CA PRO B 267 18.10 -17.93 10.58
C PRO B 267 17.18 -18.67 11.55
N VAL B 268 15.88 -18.59 11.32
CA VAL B 268 14.94 -19.28 12.19
C VAL B 268 13.75 -19.83 11.43
N LYS B 269 13.12 -20.83 12.03
CA LYS B 269 11.93 -21.45 11.45
C LYS B 269 10.72 -20.86 12.15
N LEU B 270 9.89 -20.14 11.42
CA LEU B 270 8.68 -19.52 11.98
C LEU B 270 7.42 -20.34 11.75
N GLY B 271 6.77 -20.71 12.86
CA GLY B 271 5.56 -21.48 12.77
C GLY B 271 4.48 -20.91 13.66
N LYS B 272 3.37 -21.63 13.79
CA LYS B 272 2.24 -21.20 14.59
C LYS B 272 2.66 -20.89 16.03
N ASN B 273 3.81 -21.42 16.44
CA ASN B 273 4.30 -21.20 17.79
C ASN B 273 5.49 -20.25 17.81
N GLY B 274 5.65 -19.49 16.73
CA GLY B 274 6.74 -18.54 16.62
C GLY B 274 8.06 -19.14 16.20
N VAL B 275 9.11 -18.85 16.98
CA VAL B 275 10.43 -19.39 16.70
C VAL B 275 10.36 -20.86 17.05
N GLU B 276 10.40 -21.71 16.03
CA GLU B 276 10.32 -23.14 16.28
C GLU B 276 11.70 -23.79 16.19
N HIS B 277 12.67 -23.04 15.66
CA HIS B 277 14.04 -23.51 15.58
C HIS B 277 15.04 -22.44 15.19
N ILE B 278 16.17 -22.41 15.90
CA ILE B 278 17.23 -21.44 15.63
C ILE B 278 18.36 -22.19 14.94
N TYR B 279 18.73 -21.75 13.75
CA TYR B 279 19.80 -22.39 13.01
C TYR B 279 21.15 -21.78 13.31
N GLU B 280 22.10 -22.63 13.70
CA GLU B 280 23.44 -22.18 13.99
C GLU B 280 24.28 -22.57 12.81
N ILE B 281 24.27 -21.75 11.76
CA ILE B 281 25.04 -22.05 10.57
C ILE B 281 26.53 -21.92 10.82
N LYS B 282 27.32 -22.36 9.85
CA LYS B 282 28.77 -22.33 9.96
C LYS B 282 29.38 -21.05 9.43
N LEU B 283 29.63 -20.12 10.32
CA LEU B 283 30.23 -18.84 9.96
C LEU B 283 31.72 -18.93 10.17
N ASP B 284 32.48 -18.15 9.42
CA ASP B 284 33.93 -18.15 9.60
C ASP B 284 34.24 -17.12 10.69
N GLN B 285 35.38 -17.29 11.35
CA GLN B 285 35.77 -16.39 12.44
C GLN B 285 35.35 -14.95 12.26
N SER B 286 35.83 -14.32 11.19
CA SER B 286 35.50 -12.94 10.89
C SER B 286 34.04 -12.63 11.26
N ASP B 287 33.12 -13.16 10.46
CA ASP B 287 31.69 -12.97 10.67
C ASP B 287 31.22 -13.37 12.06
N LEU B 288 31.68 -14.53 12.53
CA LEU B 288 31.26 -15.00 13.85
C LEU B 288 31.73 -14.02 14.93
N ASP B 289 32.84 -13.33 14.66
CA ASP B 289 33.34 -12.37 15.63
C ASP B 289 32.44 -11.13 15.63
N LEU B 290 32.23 -10.56 14.45
CA LEU B 290 31.38 -9.37 14.34
C LEU B 290 30.02 -9.59 14.96
N LEU B 291 29.54 -10.83 14.92
CA LEU B 291 28.25 -11.17 15.48
C LEU B 291 28.28 -11.15 17.00
N GLN B 292 29.39 -11.58 17.58
CA GLN B 292 29.54 -11.62 19.03
C GLN B 292 29.83 -10.24 19.61
N LYS B 293 30.68 -9.48 18.93
CA LYS B 293 30.98 -8.12 19.38
C LYS B 293 29.65 -7.38 19.39
N SER B 294 29.00 -7.36 18.22
CA SER B 294 27.71 -6.70 18.06
C SER B 294 26.70 -7.10 19.14
N ALA B 295 26.72 -8.36 19.53
CA ALA B 295 25.80 -8.84 20.56
C ALA B 295 26.22 -8.35 21.94
N LYS B 296 27.51 -8.13 22.14
CA LYS B 296 28.02 -7.64 23.42
C LYS B 296 27.55 -6.21 23.58
N ILE B 297 27.74 -5.41 22.53
CA ILE B 297 27.32 -4.02 22.54
C ILE B 297 25.84 -3.94 22.85
N VAL B 298 25.06 -4.78 22.19
CA VAL B 298 23.61 -4.81 22.40
C VAL B 298 23.24 -5.19 23.82
N ASP B 299 23.76 -6.33 24.28
CA ASP B 299 23.47 -6.82 25.62
C ASP B 299 23.89 -5.77 26.66
N GLU B 300 24.84 -4.92 26.25
CA GLU B 300 25.34 -3.85 27.10
C GLU B 300 24.19 -2.90 27.39
N ASN B 301 23.61 -2.38 26.33
CA ASN B 301 22.49 -1.44 26.41
C ASN B 301 21.27 -2.02 27.11
N CYS B 302 21.00 -3.30 26.88
CA CYS B 302 19.85 -3.95 27.51
C CYS B 302 19.99 -4.02 29.02
N LYS B 303 21.12 -3.54 29.52
CA LYS B 303 21.40 -3.51 30.96
C LYS B 303 20.83 -2.23 31.56
N MET B 304 21.17 -1.09 30.94
CA MET B 304 20.69 0.22 31.38
C MET B 304 19.18 0.12 31.51
N LEU B 305 18.58 -0.69 30.64
CA LEU B 305 17.13 -0.89 30.60
C LEU B 305 16.73 -2.23 31.24
PA NAD C . -0.58 14.30 -2.50
O1A NAD C . -0.50 15.73 -2.15
O2A NAD C . -0.08 13.22 -1.52
O5B NAD C . 0.23 13.96 -3.83
C5B NAD C . 0.11 14.78 -5.05
C4B NAD C . 1.50 14.78 -5.63
O4B NAD C . 1.41 15.61 -6.87
C3B NAD C . 2.59 15.51 -4.78
O3B NAD C . 3.70 14.54 -4.46
C2B NAD C . 3.09 16.69 -5.56
O2B NAD C . 4.35 17.14 -5.44
C1B NAD C . 2.65 16.26 -6.99
N9A NAD C . 2.45 17.41 -7.86
C8A NAD C . 1.89 18.66 -7.74
N7A NAD C . 1.94 19.43 -8.83
C5A NAD C . 2.56 18.69 -9.76
C6A NAD C . 2.94 18.99 -11.18
N6A NAD C . 2.67 20.12 -11.79
N1A NAD C . 3.58 17.93 -11.76
C2A NAD C . 3.89 16.74 -11.26
N3A NAD C . 3.57 16.41 -9.92
C4A NAD C . 2.91 17.42 -9.21
O3 NAD C . -2.01 13.89 -2.90
PN NAD C . -2.89 12.64 -3.17
O1N NAD C . -3.50 12.20 -1.89
O2N NAD C . -2.02 11.64 -3.89
O5D NAD C . -4.15 13.06 -4.13
C5D NAD C . -3.70 13.51 -5.47
C4D NAD C . -4.87 14.10 -6.23
O4D NAD C . -5.95 13.07 -6.42
C3D NAD C . -5.65 15.29 -5.57
O3D NAD C . -6.01 16.25 -6.60
C2D NAD C . -6.88 14.67 -4.90
O2D NAD C . -7.94 15.54 -4.60
C1D NAD C . -7.27 13.58 -5.95
N1N NAD C . -8.08 12.37 -5.52
C2N NAD C . -9.15 11.90 -6.30
C3N NAD C . -9.84 10.81 -5.86
C7N NAD C . -11.02 10.27 -6.67
O7N NAD C . -11.94 9.60 -6.25
N7N NAD C . -10.94 10.61 -8.05
C4N NAD C . -9.52 10.10 -4.60
C5N NAD C . -8.43 10.66 -3.90
C6N NAD C . -7.71 11.73 -4.29
PA NAD D . 5.77 7.15 11.19
O1A NAD D . 6.33 8.17 12.07
O2A NAD D . 5.06 7.54 9.89
O5B NAD D . 4.65 6.24 11.93
C5B NAD D . 4.78 5.82 13.34
C4B NAD D . 3.46 6.19 13.99
O4B NAD D . 3.61 5.75 15.41
C3B NAD D . 3.18 7.73 14.14
O3B NAD D . 1.84 8.04 13.49
C2B NAD D . 3.16 8.08 15.60
O2B NAD D . 2.39 9.07 16.08
C1B NAD D . 2.87 6.66 16.18
N9A NAD D . 3.35 6.50 17.55
C8A NAD D . 4.41 6.96 18.29
N7A NAD D . 4.46 6.56 19.55
C5A NAD D . 3.38 5.78 19.72
C6A NAD D . 2.86 5.02 20.92
N6A NAD D . 3.44 5.02 22.09
N1A NAD D . 1.71 4.36 20.62
C2A NAD D . 1.01 4.28 19.48
N3A NAD D . 1.46 4.98 18.32
C4A NAD D . 2.64 5.71 18.50
O3 NAD D . 6.86 6.11 10.80
PN NAD D . 7.16 4.85 9.91
O1N NAD D . 7.83 5.26 8.64
O2N NAD D . 5.86 4.11 9.74
O5D NAD D . 8.25 3.91 10.67
C5D NAD D . 7.75 3.38 11.97
C4D NAD D . 8.91 2.92 12.82
O4D NAD D . 9.62 1.75 12.20
C3D NAD D . 10.10 3.93 13.06
O3D NAD D . 10.51 3.86 14.46
C2D NAD D . 11.25 3.53 12.13
O2D NAD D . 12.54 3.94 12.52
C1D NAD D . 11.09 1.97 12.09
N1N NAD D . 11.56 1.16 10.88
C2N NAD D . 12.24 -0.06 11.04
C3N NAD D . 12.65 -0.75 9.94
C7N NAD D . 13.39 -2.07 10.11
O7N NAD D . 14.41 -2.42 9.54
N7N NAD D . 12.74 -2.93 11.05
C4N NAD D . 12.42 -0.27 8.56
C5N NAD D . 11.72 0.97 8.50
C6N NAD D . 11.30 1.69 9.56
#